data_8A91
#
_entry.id   8A91
#
_cell.length_a   81.154
_cell.length_b   108.574
_cell.length_c   105.768
_cell.angle_alpha   90.000
_cell.angle_beta   90.000
_cell.angle_gamma   90.000
#
_symmetry.space_group_name_H-M   'C 2 2 21'
#
loop_
_entity.id
_entity.type
_entity.pdbx_description
1 polymer 'Cytochrome P450 protein'
2 non-polymer 'PROTOPORPHYRIN IX CONTAINING FE'
3 non-polymer 1H-indol-3-ylmethanamine
4 non-polymer 'SULFATE ION'
5 water water
#
_entity_poly.entity_id   1
_entity_poly.type   'polypeptide(L)'
_entity_poly.pdbx_seq_one_letter_code
;GSLKVYNSIFDQAYEIDPIPYFNFLRKHDPVHYEESIDAYFVSKYKDVKYILKNNDIFNTKTLAKRAEPVMKDRVLAQMS
GQEHKSKKKAILKGMTGKYLENLMPILEKRTNDIINKHIEKKEIDIVNDFGKVFAVQSSMDLLGINLENYEKIREWHNGI
AKFITSFNLNDEEIKYSLECSDKLENYLMPLIKDRKKSTKDDLISILLEYKNDENSISDTEILALSLNVLLAATEPVDKT
LAYLFYNLLKNPEQFESVKNNPKLIKNAIIETLRYNSPVQLIPRQVSKPFIFNNTELQAGDTVICMIGSANRDPEAYSNP
DEFNIHRSSDNKSPFTSHSQNLSFGTGVHTCVGASFSLIQLEMVAILLLKRLKNIKLKTMEITEHGIYTRGPKSMVISFD
;
_entity_poly.pdbx_strand_id   A
#
loop_
_chem_comp.id
_chem_comp.type
_chem_comp.name
_chem_comp.formula
HEM non-polymer 'PROTOPORPHYRIN IX CONTAINING FE' 'C34 H32 Fe N4 O4'
LC9 non-polymer 1H-indol-3-ylmethanamine 'C9 H10 N2'
SO4 non-polymer 'SULFATE ION' 'O4 S -2'
#
# COMPACT_ATOMS: atom_id res chain seq x y z
N LYS A 4 -27.41 16.88 12.49
CA LYS A 4 -27.50 16.99 11.04
C LYS A 4 -27.14 15.66 10.38
N VAL A 5 -25.90 15.23 10.55
CA VAL A 5 -25.44 13.93 10.09
C VAL A 5 -24.85 13.19 11.28
N TYR A 6 -25.35 11.98 11.53
CA TYR A 6 -24.99 11.22 12.71
C TYR A 6 -24.08 10.03 12.42
N ASN A 7 -23.93 9.64 11.16
CA ASN A 7 -22.99 8.60 10.77
C ASN A 7 -21.63 9.24 10.52
N SER A 8 -20.61 8.78 11.24
CA SER A 8 -19.29 9.38 11.17
C SER A 8 -18.24 8.33 10.89
N ILE A 9 -17.26 8.68 10.05
CA ILE A 9 -16.14 7.80 9.77
C ILE A 9 -15.42 7.41 11.06
N PHE A 10 -15.50 8.25 12.08
CA PHE A 10 -14.75 8.04 13.32
C PHE A 10 -15.60 7.38 14.40
N ASP A 11 -16.81 6.92 14.06
CA ASP A 11 -17.53 6.05 14.97
C ASP A 11 -16.71 4.80 15.22
N GLN A 12 -16.79 4.28 16.44
CA GLN A 12 -16.08 3.04 16.74
C GLN A 12 -16.54 1.90 15.82
N ALA A 13 -17.81 1.93 15.41
CA ALA A 13 -18.33 0.87 14.55
C ALA A 13 -17.66 0.88 13.17
N TYR A 14 -17.18 2.03 12.71
CA TYR A 14 -16.64 2.10 11.35
C TYR A 14 -15.40 1.24 11.21
N GLU A 15 -14.45 1.37 12.14
CA GLU A 15 -13.21 0.60 12.00
C GLU A 15 -13.45 -0.89 12.21
N ILE A 16 -14.47 -1.25 12.99
CA ILE A 16 -14.83 -2.66 13.11
C ILE A 16 -15.33 -3.20 11.78
N ASP A 17 -16.28 -2.52 11.17
CA ASP A 17 -16.85 -2.93 9.88
C ASP A 17 -17.32 -1.70 9.13
N PRO A 18 -16.54 -1.24 8.14
CA PRO A 18 -16.94 -0.03 7.40
C PRO A 18 -17.90 -0.30 6.25
N ILE A 19 -18.15 -1.57 5.91
CA ILE A 19 -18.99 -1.86 4.74
C ILE A 19 -20.36 -1.19 4.84
N PRO A 20 -21.09 -1.30 5.95
CA PRO A 20 -22.36 -0.56 6.06
C PRO A 20 -22.19 0.94 5.88
N TYR A 21 -21.06 1.48 6.32
CA TYR A 21 -20.80 2.90 6.10
C TYR A 21 -20.59 3.20 4.62
N PHE A 22 -19.83 2.36 3.92
CA PHE A 22 -19.71 2.49 2.47
C PHE A 22 -21.07 2.60 1.82
N ASN A 23 -21.96 1.65 2.13
CA ASN A 23 -23.27 1.61 1.49
C ASN A 23 -24.08 2.86 1.82
N PHE A 24 -24.06 3.29 3.08
CA PHE A 24 -24.78 4.51 3.46
C PHE A 24 -24.24 5.73 2.73
N LEU A 25 -22.91 5.91 2.74
CA LEU A 25 -22.33 7.14 2.22
C LEU A 25 -22.55 7.28 0.72
N ARG A 26 -22.40 6.19 -0.03
CA ARG A 26 -22.61 6.27 -1.48
C ARG A 26 -24.04 6.65 -1.81
N LYS A 27 -25.00 6.17 -1.01
CA LYS A 27 -26.41 6.41 -1.32
C LYS A 27 -26.90 7.76 -0.81
N HIS A 28 -26.44 8.18 0.38
CA HIS A 28 -27.07 9.30 1.07
C HIS A 28 -26.15 10.48 1.33
N ASP A 29 -24.84 10.33 1.16
CA ASP A 29 -23.93 11.46 1.37
C ASP A 29 -22.61 11.17 0.69
N PRO A 30 -22.55 11.20 -0.64
CA PRO A 30 -21.34 10.76 -1.35
C PRO A 30 -20.14 11.66 -1.12
N VAL A 31 -20.34 12.91 -0.70
CA VAL A 31 -19.24 13.82 -0.36
C VAL A 31 -19.54 14.28 1.06
N HIS A 32 -18.92 13.62 2.04
CA HIS A 32 -19.38 13.65 3.42
C HIS A 32 -18.35 14.36 4.30
N TYR A 33 -18.78 15.44 4.96
CA TYR A 33 -17.88 16.26 5.75
C TYR A 33 -17.67 15.66 7.14
N GLU A 34 -16.41 15.62 7.57
CA GLU A 34 -16.04 15.22 8.93
C GLU A 34 -15.34 16.38 9.60
N GLU A 35 -15.98 16.97 10.61
CA GLU A 35 -15.44 18.17 11.23
C GLU A 35 -14.20 17.89 12.07
N SER A 36 -14.00 16.65 12.53
CA SER A 36 -12.84 16.35 13.36
C SER A 36 -11.54 16.69 12.64
N ILE A 37 -11.48 16.42 11.33
CA ILE A 37 -10.28 16.64 10.54
C ILE A 37 -10.51 17.64 9.42
N ASP A 38 -11.69 18.26 9.36
CA ASP A 38 -11.99 19.30 8.37
C ASP A 38 -11.71 18.79 6.96
N ALA A 39 -12.36 17.69 6.61
CA ALA A 39 -12.18 17.08 5.30
C ALA A 39 -13.46 16.39 4.86
N TYR A 40 -13.64 16.26 3.55
CA TYR A 40 -14.79 15.59 2.96
C TYR A 40 -14.37 14.21 2.47
N PHE A 41 -15.17 13.20 2.80
CA PHE A 41 -14.90 11.83 2.39
C PHE A 41 -15.74 11.49 1.17
N VAL A 42 -15.09 10.97 0.14
CA VAL A 42 -15.71 10.69 -1.16
C VAL A 42 -15.81 9.19 -1.33
N SER A 43 -17.03 8.68 -1.55
CA SER A 43 -17.32 7.26 -1.46
C SER A 43 -17.64 6.58 -2.78
N LYS A 44 -18.00 7.33 -3.83
CA LYS A 44 -18.45 6.72 -5.07
C LYS A 44 -17.29 6.54 -6.05
N TYR A 45 -17.34 5.43 -6.80
CA TYR A 45 -16.29 5.14 -7.78
C TYR A 45 -16.10 6.30 -8.75
N LYS A 46 -17.21 6.83 -9.29
CA LYS A 46 -17.08 7.83 -10.35
C LYS A 46 -16.45 9.12 -9.81
N ASP A 47 -16.81 9.52 -8.58
CA ASP A 47 -16.24 10.73 -8.01
C ASP A 47 -14.77 10.53 -7.64
N VAL A 48 -14.44 9.39 -7.03
CA VAL A 48 -13.05 9.10 -6.71
C VAL A 48 -12.20 9.11 -7.97
N LYS A 49 -12.68 8.44 -9.02
CA LYS A 49 -11.92 8.40 -10.26
C LYS A 49 -11.75 9.80 -10.85
N TYR A 50 -12.80 10.61 -10.81
CA TYR A 50 -12.69 11.98 -11.31
C TYR A 50 -11.66 12.77 -10.53
N ILE A 51 -11.64 12.63 -9.21
CA ILE A 51 -10.69 13.35 -8.38
C ILE A 51 -9.27 12.96 -8.75
N LEU A 52 -9.00 11.65 -8.81
CA LEU A 52 -7.64 11.18 -9.04
C LEU A 52 -7.16 11.47 -10.46
N LYS A 53 -8.07 11.59 -11.43
CA LYS A 53 -7.68 11.85 -12.80
C LYS A 53 -7.55 13.33 -13.13
N ASN A 54 -7.89 14.22 -12.19
CA ASN A 54 -7.80 15.67 -12.41
C ASN A 54 -6.87 16.25 -11.35
N ASN A 55 -5.56 16.09 -11.59
CA ASN A 55 -4.55 16.54 -10.64
C ASN A 55 -4.49 18.05 -10.50
N ASP A 56 -4.98 18.79 -11.51
CA ASP A 56 -4.95 20.25 -11.43
C ASP A 56 -5.94 20.77 -10.39
N ILE A 57 -7.15 20.19 -10.35
CA ILE A 57 -8.16 20.63 -9.41
C ILE A 57 -7.89 20.07 -8.01
N PHE A 58 -7.48 18.81 -7.93
CA PHE A 58 -7.21 18.14 -6.66
C PHE A 58 -5.73 17.76 -6.66
N ASN A 59 -4.92 18.53 -5.91
CA ASN A 59 -3.48 18.36 -5.89
C ASN A 59 -3.03 17.60 -4.66
N THR A 60 -1.71 17.40 -4.54
CA THR A 60 -1.09 16.55 -3.54
C THR A 60 -0.41 17.35 -2.45
N LYS A 61 -0.73 18.63 -2.32
CA LYS A 61 -0.12 19.44 -1.27
C LYS A 61 -0.47 18.96 0.15
N THR A 62 -1.61 18.29 0.30
CA THR A 62 -1.98 17.75 1.61
C THR A 62 -0.93 16.77 2.12
N LEU A 63 -0.53 15.83 1.27
CA LEU A 63 0.42 14.79 1.69
C LEU A 63 1.75 15.40 2.12
N ALA A 64 2.23 16.41 1.37
CA ALA A 64 3.56 16.94 1.61
C ALA A 64 3.72 17.49 3.02
N LYS A 65 2.66 18.04 3.59
CA LYS A 65 2.74 18.70 4.88
C LYS A 65 3.28 17.75 5.95
N ARG A 66 2.37 17.13 6.68
CA ARG A 66 2.78 16.20 7.72
C ARG A 66 3.46 14.98 7.12
N ALA A 67 4.63 15.17 6.52
CA ALA A 67 5.38 14.10 5.89
C ALA A 67 6.87 14.42 5.99
N GLU A 68 7.24 15.62 5.57
CA GLU A 68 8.60 16.06 5.82
C GLU A 68 9.00 15.88 7.28
N PRO A 69 8.13 16.14 8.27
CA PRO A 69 8.50 15.86 9.67
C PRO A 69 9.08 14.47 9.91
N VAL A 70 8.85 13.57 8.96
CA VAL A 70 9.31 12.21 9.09
C VAL A 70 10.11 11.80 7.85
N MET A 71 9.83 12.44 6.71
CA MET A 71 10.55 12.13 5.48
C MET A 71 11.85 12.90 5.33
N LYS A 72 11.92 14.11 5.90
CA LYS A 72 13.12 14.92 5.92
C LYS A 72 13.32 15.72 4.64
N ASP A 73 12.65 15.35 3.56
CA ASP A 73 12.75 16.10 2.30
C ASP A 73 11.54 15.74 1.43
N ARG A 74 11.56 16.22 0.20
CA ARG A 74 10.40 16.09 -0.68
C ARG A 74 10.24 14.66 -1.18
N VAL A 75 9.00 14.20 -1.21
CA VAL A 75 8.67 12.87 -1.68
C VAL A 75 8.04 12.97 -3.07
N LEU A 76 7.88 11.80 -3.71
CA LEU A 76 7.37 11.78 -5.08
C LEU A 76 6.03 12.49 -5.19
N ALA A 77 5.15 12.30 -4.20
CA ALA A 77 3.81 12.87 -4.28
C ALA A 77 3.85 14.39 -4.41
N GLN A 78 4.84 15.04 -3.80
CA GLN A 78 4.94 16.50 -3.85
C GLN A 78 5.49 17.02 -5.16
N MET A 79 5.72 16.17 -6.15
CA MET A 79 6.35 16.55 -7.40
C MET A 79 5.34 16.50 -8.53
N SER A 80 5.65 17.25 -9.60
CA SER A 80 4.81 17.29 -10.78
C SER A 80 5.69 17.58 -11.99
N GLY A 81 5.05 17.67 -13.15
CA GLY A 81 5.76 18.02 -14.37
C GLY A 81 6.83 17.00 -14.72
N GLN A 82 7.90 17.48 -15.35
CA GLN A 82 8.96 16.59 -15.80
C GLN A 82 9.76 16.03 -14.64
N GLU A 83 9.87 16.76 -13.53
CA GLU A 83 10.57 16.22 -12.36
C GLU A 83 9.88 14.96 -11.86
N HIS A 84 8.57 15.03 -11.64
CA HIS A 84 7.85 13.87 -11.13
C HIS A 84 7.95 12.69 -12.09
N LYS A 85 7.78 12.94 -13.39
CA LYS A 85 7.88 11.87 -14.37
C LYS A 85 9.26 11.22 -14.35
N SER A 86 10.31 12.04 -14.36
CA SER A 86 11.67 11.50 -14.43
C SER A 86 12.02 10.73 -13.17
N LYS A 87 11.80 11.33 -12.00
CA LYS A 87 12.12 10.64 -10.75
C LYS A 87 11.25 9.40 -10.55
N LYS A 88 9.98 9.47 -10.98
CA LYS A 88 9.13 8.27 -10.92
C LYS A 88 9.69 7.18 -11.83
N LYS A 89 10.22 7.57 -12.99
CA LYS A 89 10.82 6.57 -13.88
C LYS A 89 12.07 5.97 -13.27
N ALA A 90 12.85 6.79 -12.54
CA ALA A 90 14.03 6.27 -11.86
C ALA A 90 13.66 5.19 -10.86
N ILE A 91 12.64 5.44 -10.04
CA ILE A 91 12.22 4.46 -9.04
C ILE A 91 11.73 3.19 -9.71
N LEU A 92 10.93 3.33 -10.77
CA LEU A 92 10.47 2.15 -11.50
C LEU A 92 11.64 1.36 -12.06
N LYS A 93 12.75 2.02 -12.36
CA LYS A 93 13.92 1.32 -12.88
C LYS A 93 14.43 0.29 -11.88
N GLY A 94 14.24 0.54 -10.58
CA GLY A 94 14.73 -0.37 -9.56
C GLY A 94 13.90 -1.62 -9.40
N MET A 95 12.74 -1.71 -10.07
CA MET A 95 11.88 -2.88 -9.98
C MET A 95 11.54 -3.42 -11.37
N THR A 96 12.33 -3.07 -12.38
CA THR A 96 12.11 -3.53 -13.74
C THR A 96 13.46 -3.95 -14.34
N GLY A 97 13.42 -4.39 -15.58
CA GLY A 97 14.66 -4.71 -16.29
C GLY A 97 15.51 -5.68 -15.53
N LYS A 98 16.83 -5.42 -15.54
CA LYS A 98 17.79 -6.32 -14.89
CA LYS A 98 17.76 -6.34 -14.89
C LYS A 98 17.65 -6.29 -13.38
N TYR A 99 17.24 -5.16 -12.81
CA TYR A 99 17.07 -5.09 -11.36
C TYR A 99 15.97 -6.06 -10.90
N LEU A 100 14.90 -6.18 -11.69
CA LEU A 100 13.84 -7.12 -11.35
C LEU A 100 14.30 -8.56 -11.52
N GLU A 101 15.04 -8.85 -12.60
CA GLU A 101 15.58 -10.19 -12.79
C GLU A 101 16.43 -10.62 -11.60
N ASN A 102 17.22 -9.69 -11.05
CA ASN A 102 18.07 -10.02 -9.91
C ASN A 102 17.29 -10.08 -8.61
N LEU A 103 16.27 -9.23 -8.48
CA LEU A 103 15.55 -9.12 -7.21
CA LEU A 103 15.56 -9.13 -7.21
C LEU A 103 14.69 -10.35 -6.95
N MET A 104 14.01 -10.86 -7.98
CA MET A 104 13.06 -11.94 -7.77
C MET A 104 13.66 -13.19 -7.15
N PRO A 105 14.77 -13.73 -7.66
CA PRO A 105 15.37 -14.89 -6.98
C PRO A 105 15.70 -14.63 -5.52
N ILE A 106 16.03 -13.38 -5.18
CA ILE A 106 16.29 -13.03 -3.79
C ILE A 106 15.02 -13.08 -2.98
N LEU A 107 13.91 -12.59 -3.55
CA LEU A 107 12.63 -12.65 -2.84
C LEU A 107 12.14 -14.08 -2.67
N GLU A 108 12.43 -14.96 -3.63
CA GLU A 108 12.20 -16.39 -3.42
C GLU A 108 12.96 -16.88 -2.21
N LYS A 109 14.22 -16.45 -2.07
CA LYS A 109 15.03 -16.86 -0.93
C LYS A 109 14.44 -16.36 0.38
N ARG A 110 14.04 -15.09 0.41
CA ARG A 110 13.35 -14.55 1.60
C ARG A 110 12.12 -15.40 1.93
N THR A 111 11.33 -15.73 0.91
CA THR A 111 10.10 -16.48 1.14
C THR A 111 10.40 -17.87 1.70
N ASN A 112 11.31 -18.62 1.06
CA ASN A 112 11.60 -19.96 1.52
C ASN A 112 12.29 -19.96 2.88
N ASP A 113 13.10 -18.93 3.18
CA ASP A 113 13.71 -18.86 4.51
C ASP A 113 12.65 -18.76 5.59
N ILE A 114 11.60 -17.97 5.34
CA ILE A 114 10.52 -17.88 6.32
C ILE A 114 9.76 -19.18 6.41
N ILE A 115 9.40 -19.76 5.26
CA ILE A 115 8.70 -21.04 5.26
C ILE A 115 9.50 -22.09 6.03
N ASN A 116 10.81 -22.13 5.81
CA ASN A 116 11.65 -23.11 6.50
C ASN A 116 11.67 -22.88 8.00
N LYS A 117 11.44 -21.64 8.43
CA LYS A 117 11.46 -21.31 9.85
C LYS A 117 10.25 -21.86 10.58
N HIS A 118 9.15 -22.14 9.88
CA HIS A 118 7.88 -22.49 10.51
C HIS A 118 7.34 -23.85 10.09
N ILE A 119 7.97 -24.52 9.12
CA ILE A 119 7.34 -25.69 8.50
C ILE A 119 7.16 -26.81 9.51
N GLU A 120 8.10 -26.97 10.45
CA GLU A 120 7.98 -28.06 11.41
C GLU A 120 6.87 -27.83 12.42
N LYS A 121 6.38 -26.59 12.55
CA LYS A 121 5.29 -26.31 13.49
C LYS A 121 3.92 -26.64 12.90
N LYS A 122 3.81 -26.76 11.57
CA LYS A 122 2.59 -27.18 10.90
C LYS A 122 1.53 -26.09 10.88
N GLU A 123 1.92 -24.84 11.13
CA GLU A 123 1.03 -23.70 11.01
C GLU A 123 1.88 -22.45 10.91
N ILE A 124 1.27 -21.38 10.38
CA ILE A 124 2.00 -20.13 10.19
C ILE A 124 0.99 -19.00 10.16
N ASP A 125 1.36 -17.88 10.78
CA ASP A 125 0.54 -16.67 10.77
C ASP A 125 0.95 -15.85 9.55
N ILE A 126 0.08 -15.81 8.53
CA ILE A 126 0.42 -15.12 7.30
C ILE A 126 0.66 -13.63 7.57
N VAL A 127 0.07 -13.09 8.63
CA VAL A 127 0.30 -11.70 8.99
C VAL A 127 1.60 -11.54 9.76
N ASN A 128 1.67 -12.16 10.94
CA ASN A 128 2.75 -11.87 11.89
C ASN A 128 3.99 -12.74 11.68
N ASP A 129 3.85 -13.92 11.10
CA ASP A 129 5.02 -14.76 10.84
C ASP A 129 5.63 -14.50 9.46
N PHE A 130 4.80 -14.37 8.43
CA PHE A 130 5.30 -14.18 7.07
C PHE A 130 5.19 -12.73 6.61
N GLY A 131 3.98 -12.18 6.59
CA GLY A 131 3.75 -10.91 5.90
C GLY A 131 4.65 -9.79 6.41
N LYS A 132 4.61 -9.54 7.72
CA LYS A 132 5.37 -8.42 8.27
C LYS A 132 6.87 -8.59 8.01
N VAL A 133 7.37 -9.82 8.10
CA VAL A 133 8.80 -10.05 7.91
C VAL A 133 9.18 -9.91 6.44
N PHE A 134 8.48 -10.65 5.57
CA PHE A 134 8.78 -10.58 4.14
C PHE A 134 8.64 -9.16 3.60
N ALA A 135 7.58 -8.45 4.01
CA ALA A 135 7.29 -7.14 3.44
C ALA A 135 8.47 -6.19 3.61
N VAL A 136 9.02 -6.10 4.82
CA VAL A 136 10.11 -5.17 5.07
C VAL A 136 11.41 -5.68 4.46
N GLN A 137 11.64 -6.99 4.44
CA GLN A 137 12.86 -7.51 3.84
C GLN A 137 12.85 -7.33 2.33
N SER A 138 11.70 -7.57 1.68
CA SER A 138 11.58 -7.30 0.26
C SER A 138 11.90 -5.84 -0.05
N SER A 139 11.32 -4.92 0.72
CA SER A 139 11.62 -3.50 0.52
C SER A 139 13.10 -3.21 0.71
N MET A 140 13.71 -3.84 1.73
CA MET A 140 15.12 -3.61 1.99
C MET A 140 15.98 -4.15 0.85
N ASP A 141 15.63 -5.32 0.32
CA ASP A 141 16.36 -5.85 -0.83
C ASP A 141 16.23 -4.92 -2.03
N LEU A 142 15.00 -4.46 -2.30
CA LEU A 142 14.78 -3.50 -3.40
C LEU A 142 15.71 -2.30 -3.26
N LEU A 143 15.77 -1.72 -2.06
CA LEU A 143 16.57 -0.52 -1.85
C LEU A 143 18.06 -0.81 -1.79
N GLY A 144 18.44 -1.98 -1.30
CA GLY A 144 19.83 -2.31 -1.11
C GLY A 144 20.31 -2.25 0.31
N ILE A 145 19.42 -2.34 1.29
CA ILE A 145 19.79 -2.32 2.70
C ILE A 145 19.99 -3.75 3.17
N ASN A 146 21.16 -4.03 3.73
CA ASN A 146 21.45 -5.38 4.17
C ASN A 146 20.55 -5.74 5.36
N LEU A 147 20.26 -7.03 5.49
CA LEU A 147 19.20 -7.48 6.39
C LEU A 147 19.65 -7.67 7.85
N GLU A 148 20.89 -7.33 8.22
CA GLU A 148 21.32 -7.65 9.58
C GLU A 148 20.47 -6.94 10.62
N ASN A 149 19.90 -5.79 10.27
CA ASN A 149 19.13 -4.98 11.22
C ASN A 149 17.68 -4.82 10.78
N TYR A 150 17.15 -5.80 10.05
CA TYR A 150 15.77 -5.70 9.56
C TYR A 150 14.79 -5.58 10.72
N GLU A 151 15.15 -6.10 11.89
CA GLU A 151 14.26 -5.99 13.05
C GLU A 151 13.99 -4.53 13.40
N LYS A 152 15.06 -3.74 13.59
CA LYS A 152 14.88 -2.33 13.92
C LYS A 152 14.27 -1.57 12.75
N ILE A 153 14.70 -1.87 11.52
CA ILE A 153 14.14 -1.20 10.36
C ILE A 153 12.62 -1.33 10.36
N ARG A 154 12.11 -2.52 10.66
CA ARG A 154 10.67 -2.71 10.74
C ARG A 154 10.07 -1.86 11.84
N GLU A 155 10.69 -1.89 13.03
CA GLU A 155 10.21 -1.09 14.15
C GLU A 155 10.10 0.38 13.76
N TRP A 156 11.19 0.95 13.22
CA TRP A 156 11.18 2.36 12.86
C TRP A 156 10.19 2.64 11.73
N HIS A 157 10.05 1.72 10.78
CA HIS A 157 9.06 1.89 9.72
C HIS A 157 7.67 2.03 10.30
N ASN A 158 7.32 1.15 11.25
CA ASN A 158 5.98 1.18 11.83
C ASN A 158 5.68 2.54 12.47
N GLY A 159 6.59 3.04 13.31
CA GLY A 159 6.40 4.35 13.89
C GLY A 159 6.31 5.44 12.85
N ILE A 160 7.08 5.30 11.77
CA ILE A 160 7.01 6.28 10.68
C ILE A 160 5.67 6.18 9.96
N ALA A 161 5.21 4.97 9.69
CA ALA A 161 3.93 4.79 9.00
C ALA A 161 2.77 5.28 9.86
N LYS A 162 2.80 4.96 11.16
CA LYS A 162 1.73 5.41 12.05
C LYS A 162 1.49 6.90 11.92
N PHE A 163 2.55 7.68 11.77
CA PHE A 163 2.41 9.12 11.62
C PHE A 163 1.71 9.49 10.32
N ILE A 164 2.09 8.83 9.22
CA ILE A 164 1.52 9.16 7.91
C ILE A 164 0.06 8.73 7.84
N THR A 165 -0.29 7.62 8.47
CA THR A 165 -1.61 7.01 8.30
C THR A 165 -2.56 7.32 9.45
N SER A 166 -2.19 8.18 10.38
CA SER A 166 -3.05 8.56 11.48
C SER A 166 -3.53 10.00 11.30
N PHE A 167 -4.66 10.31 11.95
CA PHE A 167 -5.29 11.62 11.80
C PHE A 167 -5.09 12.52 13.02
N ASN A 168 -5.39 12.02 14.22
CA ASN A 168 -5.29 12.82 15.44
C ASN A 168 -4.35 12.10 16.41
N LEU A 169 -3.05 12.30 16.22
CA LEU A 169 -2.04 11.71 17.07
C LEU A 169 -1.69 12.67 18.20
N ASN A 170 -1.51 12.13 19.40
CA ASN A 170 -1.20 12.96 20.55
C ASN A 170 0.28 13.35 20.54
N ASP A 171 0.68 14.16 21.53
CA ASP A 171 2.05 14.68 21.56
C ASP A 171 3.06 13.56 21.78
N GLU A 172 2.72 12.57 22.61
CA GLU A 172 3.63 11.45 22.84
C GLU A 172 3.82 10.63 21.57
N GLU A 173 2.73 10.37 20.85
CA GLU A 173 2.83 9.59 19.61
C GLU A 173 3.65 10.33 18.56
N ILE A 174 3.42 11.64 18.42
CA ILE A 174 4.16 12.42 17.42
C ILE A 174 5.65 12.36 17.70
N LYS A 175 6.05 12.52 18.97
CA LYS A 175 7.47 12.54 19.30
C LYS A 175 8.12 11.19 19.03
N TYR A 176 7.40 10.09 19.22
CA TYR A 176 7.98 8.78 18.95
C TYR A 176 8.18 8.57 17.46
N SER A 177 7.16 8.85 16.65
CA SER A 177 7.31 8.74 15.21
C SER A 177 8.48 9.57 14.70
N LEU A 178 8.69 10.75 15.29
CA LEU A 178 9.81 11.58 14.88
C LEU A 178 11.13 10.97 15.30
N GLU A 179 11.17 10.33 16.49
N GLU A 179 11.17 10.33 16.48
CA GLU A 179 12.37 9.62 16.89
CA GLU A 179 12.38 9.63 16.89
C GLU A 179 12.68 8.48 15.93
C GLU A 179 12.68 8.47 15.94
N CYS A 180 11.65 7.74 15.53
CA CYS A 180 11.86 6.65 14.56
C CYS A 180 12.44 7.19 13.26
N SER A 181 11.93 8.33 12.79
CA SER A 181 12.46 8.93 11.57
C SER A 181 13.94 9.28 11.71
N ASP A 182 14.34 9.78 12.88
CA ASP A 182 15.73 10.14 13.09
C ASP A 182 16.63 8.91 13.14
N LYS A 183 16.20 7.87 13.86
CA LYS A 183 16.96 6.63 13.90
C LYS A 183 17.12 6.06 12.49
N LEU A 184 16.04 6.06 11.72
CA LEU A 184 16.11 5.60 10.34
C LEU A 184 17.11 6.44 9.54
N GLU A 185 17.07 7.76 9.71
CA GLU A 185 17.99 8.63 9.00
C GLU A 185 19.44 8.39 9.43
N ASN A 186 19.66 8.12 10.72
CA ASN A 186 21.01 7.84 11.18
C ASN A 186 21.57 6.57 10.58
N TYR A 187 20.69 5.59 10.30
CA TYR A 187 21.15 4.32 9.74
C TYR A 187 21.41 4.41 8.24
N LEU A 188 20.60 5.21 7.53
CA LEU A 188 20.62 5.20 6.07
C LEU A 188 21.65 6.17 5.48
N MET A 189 21.92 7.28 6.14
CA MET A 189 22.87 8.24 5.60
C MET A 189 24.23 7.61 5.33
N PRO A 190 24.87 6.94 6.29
CA PRO A 190 26.11 6.21 5.97
C PRO A 190 25.97 5.30 4.77
N LEU A 191 24.87 4.57 4.66
CA LEU A 191 24.66 3.68 3.52
C LEU A 191 24.70 4.46 2.22
N ILE A 192 23.98 5.59 2.16
CA ILE A 192 24.00 6.42 0.97
C ILE A 192 25.41 6.94 0.71
N LYS A 193 26.18 7.21 1.78
CA LYS A 193 27.56 7.64 1.60
C LYS A 193 28.39 6.53 0.98
N ASP A 194 28.23 5.29 1.45
CA ASP A 194 28.97 4.18 0.88
C ASP A 194 28.64 4.01 -0.60
N ARG A 195 27.35 3.79 -0.90
CA ARG A 195 26.97 3.52 -2.29
C ARG A 195 27.35 4.65 -3.23
N LYS A 196 27.51 5.87 -2.70
CA LYS A 196 28.02 6.96 -3.52
C LYS A 196 29.47 6.70 -3.95
N LYS A 197 30.24 6.02 -3.10
CA LYS A 197 31.61 5.67 -3.45
C LYS A 197 31.67 4.43 -4.33
N SER A 198 31.05 3.34 -3.89
CA SER A 198 31.04 2.07 -4.61
C SER A 198 29.59 1.72 -4.94
N THR A 199 29.20 1.94 -6.20
CA THR A 199 27.81 1.70 -6.60
C THR A 199 27.50 0.22 -6.66
N LYS A 200 26.28 -0.12 -6.30
CA LYS A 200 25.73 -1.46 -6.44
C LYS A 200 24.50 -1.42 -7.34
N ASP A 201 23.88 -2.57 -7.55
CA ASP A 201 22.71 -2.68 -8.43
C ASP A 201 21.46 -2.74 -7.56
N ASP A 202 21.08 -1.56 -7.05
CA ASP A 202 19.91 -1.43 -6.20
C ASP A 202 19.31 -0.04 -6.39
N LEU A 203 18.17 0.19 -5.73
CA LEU A 203 17.46 1.45 -5.91
C LEU A 203 18.28 2.63 -5.40
N ILE A 204 18.93 2.48 -4.25
CA ILE A 204 19.71 3.57 -3.69
C ILE A 204 20.78 4.00 -4.69
N SER A 205 21.49 3.04 -5.29
CA SER A 205 22.48 3.39 -6.29
CA SER A 205 22.48 3.39 -6.29
C SER A 205 21.84 4.08 -7.50
N ILE A 206 20.66 3.64 -7.89
CA ILE A 206 19.94 4.29 -8.99
C ILE A 206 19.72 5.76 -8.67
N LEU A 207 19.16 6.02 -7.48
CA LEU A 207 18.90 7.40 -7.07
C LEU A 207 20.18 8.23 -7.06
N LEU A 208 21.29 7.61 -6.66
CA LEU A 208 22.57 8.32 -6.63
C LEU A 208 23.08 8.64 -8.03
N GLU A 209 22.77 7.79 -9.01
CA GLU A 209 23.25 7.96 -10.37
C GLU A 209 22.32 8.79 -11.24
N TYR A 210 21.08 9.00 -10.80
CA TYR A 210 20.14 9.81 -11.56
C TYR A 210 20.74 11.18 -11.88
N LYS A 211 20.43 11.70 -13.07
CA LYS A 211 20.99 12.96 -13.54
C LYS A 211 19.86 13.84 -14.05
N ASN A 212 19.69 15.00 -13.42
CA ASN A 212 18.74 16.01 -13.88
C ASN A 212 19.53 17.07 -14.65
N ASP A 213 19.74 16.80 -15.94
CA ASP A 213 20.65 17.57 -16.77
C ASP A 213 22.09 17.29 -16.35
N GLU A 214 22.60 18.06 -15.37
CA GLU A 214 23.90 17.75 -14.80
C GLU A 214 23.90 17.84 -13.27
N ASN A 215 22.73 17.88 -12.65
CA ASN A 215 22.59 17.99 -11.21
CA ASN A 215 22.59 17.99 -11.20
C ASN A 215 22.01 16.69 -10.66
N SER A 216 22.61 16.19 -9.58
CA SER A 216 22.17 14.96 -8.94
C SER A 216 21.29 15.28 -7.74
N ILE A 217 20.46 14.31 -7.37
CA ILE A 217 19.61 14.46 -6.20
C ILE A 217 20.47 14.55 -4.96
N SER A 218 20.20 15.55 -4.12
CA SER A 218 20.97 15.71 -2.89
C SER A 218 20.78 14.50 -1.98
N ASP A 219 21.70 14.35 -1.03
CA ASP A 219 21.69 13.17 -0.19
C ASP A 219 20.44 13.10 0.70
N THR A 220 19.90 14.26 1.10
CA THR A 220 18.70 14.25 1.92
C THR A 220 17.44 13.95 1.09
N GLU A 221 17.44 14.29 -0.19
CA GLU A 221 16.33 13.90 -1.06
CA GLU A 221 16.32 13.90 -1.04
C GLU A 221 16.41 12.45 -1.48
N ILE A 222 17.62 11.88 -1.51
CA ILE A 222 17.76 10.45 -1.76
C ILE A 222 17.21 9.66 -0.57
N LEU A 223 17.53 10.12 0.64
CA LEU A 223 16.97 9.49 1.83
C LEU A 223 15.45 9.65 1.87
N ALA A 224 14.97 10.87 1.60
CA ALA A 224 13.52 11.09 1.58
C ALA A 224 12.83 10.14 0.61
N LEU A 225 13.38 10.00 -0.60
CA LEU A 225 12.81 9.08 -1.56
C LEU A 225 13.00 7.63 -1.14
N SER A 226 14.12 7.33 -0.47
CA SER A 226 14.32 5.97 0.04
C SER A 226 13.30 5.64 1.11
N LEU A 227 13.09 6.56 2.06
CA LEU A 227 12.05 6.36 3.07
C LEU A 227 10.68 6.27 2.40
N ASN A 228 10.45 7.07 1.36
CA ASN A 228 9.20 6.99 0.62
C ASN A 228 8.96 5.57 0.10
N VAL A 229 9.99 4.97 -0.51
CA VAL A 229 9.84 3.63 -1.04
C VAL A 229 9.68 2.61 0.08
N LEU A 230 10.48 2.74 1.14
CA LEU A 230 10.35 1.84 2.27
C LEU A 230 8.92 1.82 2.80
N LEU A 231 8.35 3.00 3.03
CA LEU A 231 6.97 3.08 3.51
C LEU A 231 5.99 2.56 2.47
N ALA A 232 6.16 2.97 1.21
CA ALA A 232 5.18 2.63 0.18
C ALA A 232 5.11 1.13 -0.07
N ALA A 233 6.26 0.46 -0.08
CA ALA A 233 6.31 -0.94 -0.47
C ALA A 233 6.02 -1.90 0.68
N THR A 234 6.36 -1.52 1.91
CA THR A 234 6.23 -2.46 3.03
C THR A 234 4.79 -2.61 3.47
N GLU A 235 4.11 -1.51 3.77
CA GLU A 235 2.84 -1.58 4.48
C GLU A 235 1.78 -2.40 3.76
N PRO A 236 1.54 -2.23 2.45
CA PRO A 236 0.41 -2.93 1.82
C PRO A 236 0.65 -4.43 1.61
N VAL A 237 1.89 -4.90 1.65
CA VAL A 237 2.18 -6.28 1.26
C VAL A 237 1.62 -7.25 2.30
N ASP A 238 1.99 -7.07 3.56
CA ASP A 238 1.45 -7.87 4.65
C ASP A 238 -0.05 -8.06 4.54
N LYS A 239 -0.78 -6.94 4.46
CA LYS A 239 -2.24 -7.00 4.51
C LYS A 239 -2.81 -7.78 3.33
N THR A 240 -2.29 -7.52 2.12
CA THR A 240 -2.85 -8.16 0.93
C THR A 240 -2.62 -9.67 0.96
N LEU A 241 -1.42 -10.11 1.38
CA LEU A 241 -1.15 -11.54 1.47
C LEU A 241 -2.14 -12.23 2.40
N ALA A 242 -2.37 -11.65 3.57
CA ALA A 242 -3.31 -12.25 4.52
C ALA A 242 -4.73 -12.28 3.96
N TYR A 243 -5.17 -11.15 3.40
CA TYR A 243 -6.50 -11.09 2.79
C TYR A 243 -6.64 -12.13 1.69
N LEU A 244 -5.58 -12.34 0.91
CA LEU A 244 -5.65 -13.24 -0.23
C LEU A 244 -5.97 -14.67 0.21
N PHE A 245 -5.18 -15.21 1.14
CA PHE A 245 -5.39 -16.59 1.55
C PHE A 245 -6.66 -16.74 2.39
N TYR A 246 -7.04 -15.71 3.14
CA TYR A 246 -8.29 -15.76 3.88
C TYR A 246 -9.48 -15.89 2.94
N ASN A 247 -9.59 -15.00 1.96
CA ASN A 247 -10.72 -15.04 1.05
C ASN A 247 -10.78 -16.35 0.27
N LEU A 248 -9.61 -16.84 -0.17
CA LEU A 248 -9.59 -18.11 -0.90
C LEU A 248 -10.07 -19.26 -0.02
N LEU A 249 -9.60 -19.30 1.23
CA LEU A 249 -10.01 -20.38 2.13
C LEU A 249 -11.46 -20.21 2.58
N LYS A 250 -11.93 -18.96 2.71
CA LYS A 250 -13.34 -18.71 2.97
C LYS A 250 -14.22 -19.06 1.79
N ASN A 251 -13.63 -19.39 0.63
CA ASN A 251 -14.36 -19.75 -0.58
C ASN A 251 -13.72 -21.00 -1.16
N PRO A 252 -13.91 -22.15 -0.51
CA PRO A 252 -13.18 -23.37 -0.94
C PRO A 252 -13.24 -23.63 -2.43
N GLU A 253 -14.39 -23.35 -3.05
CA GLU A 253 -14.55 -23.56 -4.48
CA GLU A 253 -14.54 -23.56 -4.48
C GLU A 253 -13.50 -22.77 -5.27
N GLN A 254 -13.36 -21.48 -4.96
CA GLN A 254 -12.39 -20.66 -5.68
C GLN A 254 -10.96 -21.03 -5.31
N PHE A 255 -10.73 -21.44 -4.07
CA PHE A 255 -9.41 -21.95 -3.69
C PHE A 255 -9.03 -23.14 -4.56
N GLU A 256 -9.99 -24.01 -4.87
CA GLU A 256 -9.71 -25.17 -5.70
C GLU A 256 -9.39 -24.76 -7.13
N SER A 257 -10.15 -23.80 -7.68
CA SER A 257 -9.89 -23.34 -9.04
C SER A 257 -8.47 -22.81 -9.18
N VAL A 258 -7.96 -22.11 -8.16
CA VAL A 258 -6.60 -21.59 -8.22
C VAL A 258 -5.59 -22.73 -8.17
N LYS A 259 -5.91 -23.81 -7.45
CA LYS A 259 -5.01 -24.97 -7.43
C LYS A 259 -5.03 -25.72 -8.75
N ASN A 260 -6.19 -25.79 -9.40
CA ASN A 260 -6.28 -26.50 -10.68
C ASN A 260 -5.69 -25.70 -11.82
N ASN A 261 -5.93 -24.38 -11.84
CA ASN A 261 -5.40 -23.47 -12.85
C ASN A 261 -4.59 -22.39 -12.14
N PRO A 262 -3.32 -22.65 -11.83
CA PRO A 262 -2.51 -21.68 -11.09
C PRO A 262 -2.46 -20.30 -11.74
N LYS A 263 -2.78 -20.22 -13.03
CA LYS A 263 -2.82 -18.92 -13.69
C LYS A 263 -3.85 -18.00 -13.07
N LEU A 264 -4.87 -18.55 -12.39
CA LEU A 264 -5.90 -17.75 -11.75
C LEU A 264 -5.41 -17.00 -10.53
N ILE A 265 -4.15 -17.19 -10.11
CA ILE A 265 -3.67 -16.52 -8.90
C ILE A 265 -3.58 -15.02 -9.12
N LYS A 266 -3.18 -14.60 -10.32
CA LYS A 266 -3.14 -13.17 -10.61
C LYS A 266 -4.52 -12.55 -10.48
N ASN A 267 -5.53 -13.18 -11.07
CA ASN A 267 -6.89 -12.69 -10.93
C ASN A 267 -7.31 -12.66 -9.46
N ALA A 268 -6.89 -13.64 -8.68
CA ALA A 268 -7.24 -13.68 -7.26
C ALA A 268 -6.62 -12.52 -6.50
N ILE A 269 -5.37 -12.17 -6.81
CA ILE A 269 -4.73 -11.04 -6.16
C ILE A 269 -5.45 -9.75 -6.51
N ILE A 270 -5.82 -9.57 -7.77
CA ILE A 270 -6.50 -8.35 -8.19
C ILE A 270 -7.85 -8.24 -7.51
N GLU A 271 -8.60 -9.34 -7.45
CA GLU A 271 -9.89 -9.32 -6.76
C GLU A 271 -9.71 -9.06 -5.27
N THR A 272 -8.64 -9.60 -4.68
CA THR A 272 -8.36 -9.32 -3.27
C THR A 272 -8.10 -7.84 -3.05
N LEU A 273 -7.35 -7.20 -3.96
CA LEU A 273 -7.07 -5.78 -3.81
C LEU A 273 -8.34 -4.95 -3.97
N ARG A 274 -9.27 -5.38 -4.84
CA ARG A 274 -10.55 -4.69 -4.95
C ARG A 274 -11.39 -4.92 -3.71
N TYR A 275 -11.52 -6.17 -3.28
CA TYR A 275 -12.46 -6.52 -2.21
C TYR A 275 -12.00 -5.98 -0.87
N ASN A 276 -10.74 -6.21 -0.52
CA ASN A 276 -10.16 -5.75 0.75
C ASN A 276 -9.00 -4.82 0.42
N SER A 277 -9.32 -3.59 0.00
CA SER A 277 -8.32 -2.62 -0.39
C SER A 277 -7.42 -2.27 0.78
N PRO A 278 -6.12 -2.61 0.72
CA PRO A 278 -5.25 -2.36 1.88
C PRO A 278 -4.97 -0.88 2.10
N VAL A 279 -4.90 -0.09 1.04
CA VAL A 279 -4.81 1.36 1.15
C VAL A 279 -6.22 1.90 0.98
N GLN A 280 -6.81 2.38 2.08
CA GLN A 280 -8.23 2.71 2.11
C GLN A 280 -8.52 4.16 1.72
N LEU A 281 -7.57 5.07 1.93
CA LEU A 281 -7.83 6.49 1.77
C LEU A 281 -6.72 7.15 0.96
N ILE A 282 -7.11 8.07 0.09
CA ILE A 282 -6.16 8.90 -0.66
C ILE A 282 -6.58 10.36 -0.52
N PRO A 283 -5.79 11.19 0.16
CA PRO A 283 -6.18 12.60 0.32
C PRO A 283 -5.71 13.45 -0.84
N ARG A 284 -6.49 14.50 -1.11
CA ARG A 284 -6.16 15.53 -2.09
C ARG A 284 -6.62 16.87 -1.55
N GLN A 285 -6.04 17.94 -2.08
CA GLN A 285 -6.41 19.30 -1.70
C GLN A 285 -7.11 19.98 -2.88
N VAL A 286 -8.25 20.59 -2.60
CA VAL A 286 -9.02 21.28 -3.63
C VAL A 286 -8.36 22.62 -3.95
N SER A 287 -8.11 22.85 -5.24
CA SER A 287 -7.40 24.05 -5.67
C SER A 287 -8.30 25.22 -6.05
N LYS A 288 -9.60 24.99 -6.20
CA LYS A 288 -10.50 26.06 -6.61
C LYS A 288 -11.92 25.59 -6.36
N PRO A 289 -12.88 26.50 -6.39
CA PRO A 289 -14.28 26.12 -6.17
C PRO A 289 -14.71 24.98 -7.08
N PHE A 290 -15.49 24.05 -6.51
CA PHE A 290 -15.91 22.86 -7.21
C PHE A 290 -17.12 22.29 -6.49
N ILE A 291 -17.96 21.57 -7.23
CA ILE A 291 -19.19 21.01 -6.69
C ILE A 291 -19.39 19.59 -7.20
N PHE A 292 -19.57 18.65 -6.27
CA PHE A 292 -20.06 17.31 -6.55
C PHE A 292 -21.50 17.22 -6.05
N ASN A 293 -22.36 16.52 -6.81
CA ASN A 293 -23.79 16.59 -6.57
C ASN A 293 -24.24 18.02 -6.23
N ASN A 294 -24.60 18.31 -4.98
CA ASN A 294 -24.80 19.70 -4.60
C ASN A 294 -23.98 20.06 -3.36
N THR A 295 -22.83 19.39 -3.19
CA THR A 295 -21.92 19.66 -2.10
C THR A 295 -20.80 20.56 -2.63
N GLU A 296 -20.75 21.79 -2.13
CA GLU A 296 -19.79 22.78 -2.61
C GLU A 296 -18.45 22.60 -1.89
N LEU A 297 -17.37 22.63 -2.67
CA LEU A 297 -16.03 22.63 -2.11
C LEU A 297 -15.33 23.94 -2.44
N GLN A 298 -14.46 24.38 -1.53
CA GLN A 298 -13.74 25.63 -1.68
C GLN A 298 -12.25 25.36 -1.84
N ALA A 299 -11.54 26.33 -2.42
CA ALA A 299 -10.10 26.23 -2.52
C ALA A 299 -9.48 26.09 -1.14
N GLY A 300 -8.61 25.09 -0.98
CA GLY A 300 -8.01 24.77 0.30
C GLY A 300 -8.67 23.65 1.05
N ASP A 301 -9.89 23.27 0.67
CA ASP A 301 -10.55 22.13 1.30
C ASP A 301 -9.79 20.84 1.03
N THR A 302 -10.10 19.82 1.82
CA THR A 302 -9.45 18.52 1.72
C THR A 302 -10.50 17.46 1.40
N VAL A 303 -10.28 16.72 0.33
CA VAL A 303 -11.12 15.58 -0.03
C VAL A 303 -10.30 14.31 0.19
N ILE A 304 -10.95 13.27 0.69
CA ILE A 304 -10.31 11.99 0.97
C ILE A 304 -11.05 10.92 0.19
N CYS A 305 -10.38 10.36 -0.81
CA CYS A 305 -10.98 9.30 -1.62
C CYS A 305 -11.06 8.01 -0.81
N MET A 306 -12.23 7.37 -0.83
CA MET A 306 -12.46 6.13 -0.10
C MET A 306 -12.31 4.98 -1.08
N ILE A 307 -11.09 4.42 -1.13
CA ILE A 307 -10.76 3.42 -2.14
C ILE A 307 -11.58 2.16 -1.95
N GLY A 308 -11.72 1.70 -0.70
CA GLY A 308 -12.53 0.51 -0.46
C GLY A 308 -13.99 0.71 -0.86
N SER A 309 -14.55 1.87 -0.54
CA SER A 309 -15.92 2.17 -0.94
C SER A 309 -16.06 2.21 -2.45
N ALA A 310 -15.13 2.87 -3.14
CA ALA A 310 -15.20 2.97 -4.60
C ALA A 310 -15.12 1.60 -5.26
N ASN A 311 -14.27 0.72 -4.73
CA ASN A 311 -14.12 -0.60 -5.33
C ASN A 311 -15.31 -1.51 -5.07
N ARG A 312 -16.22 -1.14 -4.17
CA ARG A 312 -17.45 -1.89 -3.93
C ARG A 312 -18.69 -1.13 -4.40
N ASP A 313 -18.50 -0.13 -5.26
CA ASP A 313 -19.62 0.66 -5.78
C ASP A 313 -20.45 -0.18 -6.74
N PRO A 314 -21.74 -0.38 -6.49
CA PRO A 314 -22.55 -1.17 -7.43
C PRO A 314 -22.63 -0.55 -8.81
N GLU A 315 -22.34 0.74 -8.95
CA GLU A 315 -22.29 1.35 -10.28
C GLU A 315 -21.09 0.87 -11.09
N ALA A 316 -20.07 0.31 -10.42
CA ALA A 316 -18.87 -0.14 -11.10
C ALA A 316 -18.72 -1.66 -11.12
N TYR A 317 -19.38 -2.39 -10.23
CA TYR A 317 -19.28 -3.82 -10.17
C TYR A 317 -20.63 -4.42 -9.80
N SER A 318 -20.99 -5.52 -10.45
CA SER A 318 -22.14 -6.30 -10.02
C SER A 318 -21.74 -7.19 -8.86
N ASN A 319 -22.65 -7.33 -7.89
CA ASN A 319 -22.38 -8.06 -6.66
C ASN A 319 -21.07 -7.56 -6.03
N PRO A 320 -20.95 -6.25 -5.79
CA PRO A 320 -19.65 -5.70 -5.39
C PRO A 320 -19.15 -6.21 -4.06
N ASP A 321 -20.03 -6.64 -3.17
CA ASP A 321 -19.64 -7.06 -1.82
C ASP A 321 -19.40 -8.55 -1.72
N GLU A 322 -19.16 -9.24 -2.83
CA GLU A 322 -18.84 -10.66 -2.83
CA GLU A 322 -18.84 -10.66 -2.84
C GLU A 322 -17.47 -10.88 -3.46
N PHE A 323 -16.70 -11.79 -2.86
CA PHE A 323 -15.38 -12.13 -3.36
C PHE A 323 -15.51 -13.13 -4.49
N ASN A 324 -14.98 -12.80 -5.67
CA ASN A 324 -15.18 -13.62 -6.86
C ASN A 324 -13.98 -13.39 -7.79
N ILE A 325 -13.07 -14.36 -7.84
CA ILE A 325 -11.88 -14.23 -8.67
C ILE A 325 -12.16 -14.39 -10.15
N HIS A 326 -13.37 -14.81 -10.53
CA HIS A 326 -13.72 -15.05 -11.91
C HIS A 326 -14.35 -13.84 -12.59
N ARG A 327 -14.22 -12.65 -12.00
CA ARG A 327 -14.75 -11.43 -12.60
C ARG A 327 -14.10 -11.16 -13.95
N SER A 328 -14.85 -11.33 -15.03
CA SER A 328 -14.37 -11.05 -16.37
C SER A 328 -14.61 -9.57 -16.68
N SER A 329 -13.54 -8.86 -17.04
CA SER A 329 -13.65 -7.44 -17.37
C SER A 329 -14.60 -7.18 -18.53
N ASP A 330 -15.07 -8.22 -19.22
CA ASP A 330 -16.02 -8.07 -20.31
C ASP A 330 -17.32 -8.81 -20.01
N THR A 336 -22.59 -1.59 -16.82
CA THR A 336 -21.26 -1.71 -16.21
C THR A 336 -21.27 -2.71 -15.06
N SER A 337 -20.79 -3.93 -15.33
CA SER A 337 -20.68 -4.97 -14.32
C SER A 337 -19.25 -5.15 -13.82
N HIS A 338 -18.25 -4.62 -14.52
CA HIS A 338 -16.87 -4.70 -14.09
C HIS A 338 -16.14 -3.43 -14.53
N SER A 339 -15.23 -2.97 -13.68
CA SER A 339 -14.40 -1.80 -13.98
C SER A 339 -13.00 -2.04 -13.43
N GLN A 340 -12.06 -1.21 -13.89
CA GLN A 340 -10.71 -1.25 -13.34
C GLN A 340 -10.74 -0.74 -11.91
N ASN A 341 -10.20 -1.55 -10.99
CA ASN A 341 -10.26 -1.16 -9.59
C ASN A 341 -9.26 -0.04 -9.31
N LEU A 342 -9.48 0.65 -8.18
CA LEU A 342 -8.68 1.80 -7.81
C LEU A 342 -7.68 1.48 -6.70
N SER A 343 -7.37 0.19 -6.50
CA SER A 343 -6.51 -0.20 -5.39
C SER A 343 -5.11 0.39 -5.50
N PHE A 344 -4.64 0.62 -6.73
CA PHE A 344 -3.36 1.27 -6.97
C PHE A 344 -3.52 2.73 -7.35
N GLY A 345 -4.69 3.32 -7.10
CA GLY A 345 -4.95 4.66 -7.54
C GLY A 345 -5.08 4.73 -9.06
N THR A 346 -5.05 5.95 -9.56
CA THR A 346 -5.12 6.20 -10.99
C THR A 346 -4.63 7.62 -11.26
N GLY A 347 -4.31 7.88 -12.53
CA GLY A 347 -3.84 9.20 -12.90
C GLY A 347 -2.34 9.37 -12.68
N VAL A 348 -1.95 10.63 -12.47
CA VAL A 348 -0.53 10.98 -12.45
C VAL A 348 0.22 10.23 -11.36
N HIS A 349 -0.39 10.09 -10.18
CA HIS A 349 0.29 9.52 -9.02
C HIS A 349 -0.08 8.06 -8.78
N THR A 350 -0.54 7.35 -9.79
CA THR A 350 -0.85 5.93 -9.62
C THR A 350 0.40 5.19 -9.18
N CYS A 351 0.18 4.12 -8.39
CA CYS A 351 1.28 3.44 -7.72
C CYS A 351 2.36 2.99 -8.72
N VAL A 352 3.60 3.44 -8.47
CA VAL A 352 4.70 3.05 -9.33
C VAL A 352 5.01 1.55 -9.19
N GLY A 353 4.69 0.97 -8.04
CA GLY A 353 5.02 -0.42 -7.78
C GLY A 353 3.89 -1.40 -8.05
N ALA A 354 2.92 -1.00 -8.88
CA ALA A 354 1.77 -1.85 -9.14
C ALA A 354 2.19 -3.17 -9.79
N SER A 355 2.90 -3.09 -10.92
CA SER A 355 3.31 -4.30 -11.62
C SER A 355 4.21 -5.17 -10.75
N PHE A 356 5.18 -4.54 -10.07
CA PHE A 356 6.07 -5.30 -9.20
C PHE A 356 5.28 -5.99 -8.09
N SER A 357 4.34 -5.28 -7.47
CA SER A 357 3.55 -5.88 -6.39
C SER A 357 2.81 -7.12 -6.87
N LEU A 358 2.22 -7.07 -8.06
CA LEU A 358 1.51 -8.23 -8.59
C LEU A 358 2.46 -9.40 -8.83
N ILE A 359 3.65 -9.13 -9.37
CA ILE A 359 4.63 -10.18 -9.60
C ILE A 359 5.10 -10.76 -8.28
N GLN A 360 5.44 -9.89 -7.33
CA GLN A 360 5.94 -10.34 -6.05
C GLN A 360 4.89 -11.14 -5.28
N LEU A 361 3.63 -10.70 -5.31
CA LEU A 361 2.60 -11.41 -4.57
C LEU A 361 2.28 -12.76 -5.21
N GLU A 362 2.30 -12.84 -6.54
CA GLU A 362 2.08 -14.13 -7.19
C GLU A 362 3.19 -15.11 -6.87
N MET A 363 4.44 -14.63 -6.87
CA MET A 363 5.57 -15.47 -6.46
C MET A 363 5.35 -16.05 -5.07
N VAL A 364 5.00 -15.21 -4.11
CA VAL A 364 4.86 -15.69 -2.73
C VAL A 364 3.69 -16.65 -2.61
N ALA A 365 2.54 -16.29 -3.19
CA ALA A 365 1.37 -17.15 -3.08
C ALA A 365 1.63 -18.53 -3.69
N ILE A 366 2.26 -18.57 -4.86
CA ILE A 366 2.54 -19.85 -5.51
C ILE A 366 3.46 -20.70 -4.65
N LEU A 367 4.48 -20.09 -4.06
CA LEU A 367 5.40 -20.83 -3.21
C LEU A 367 4.70 -21.37 -1.97
N LEU A 368 3.87 -20.54 -1.33
CA LEU A 368 3.11 -21.01 -0.17
C LEU A 368 2.22 -22.18 -0.55
N LEU A 369 1.58 -22.12 -1.71
CA LEU A 369 0.73 -23.21 -2.16
C LEU A 369 1.54 -24.45 -2.51
N LYS A 370 2.77 -24.27 -2.99
CA LYS A 370 3.59 -25.40 -3.38
C LYS A 370 4.15 -26.15 -2.17
N ARG A 371 4.63 -25.41 -1.16
CA ARG A 371 5.34 -26.02 -0.05
C ARG A 371 4.44 -26.40 1.10
N LEU A 372 3.32 -25.69 1.29
CA LEU A 372 2.40 -25.97 2.38
C LEU A 372 1.25 -26.83 1.84
N LYS A 373 1.20 -28.08 2.28
CA LYS A 373 0.28 -29.05 1.72
C LYS A 373 -0.99 -29.14 2.57
N ASN A 374 -2.13 -29.28 1.91
CA ASN A 374 -3.44 -29.37 2.56
C ASN A 374 -3.64 -28.22 3.54
N ILE A 375 -3.55 -27.00 3.01
CA ILE A 375 -3.74 -25.82 3.83
C ILE A 375 -5.14 -25.81 4.40
N LYS A 376 -5.26 -25.43 5.67
CA LYS A 376 -6.55 -25.30 6.33
C LYS A 376 -6.56 -24.02 7.15
N LEU A 377 -7.67 -23.29 7.08
CA LEU A 377 -7.79 -22.04 7.81
C LEU A 377 -7.99 -22.32 9.30
N LYS A 378 -7.23 -21.61 10.14
CA LYS A 378 -7.41 -21.65 11.59
C LYS A 378 -8.08 -20.40 12.14
N THR A 379 -7.71 -19.22 11.63
CA THR A 379 -8.39 -17.97 11.99
C THR A 379 -9.70 -17.93 11.20
N MET A 380 -10.74 -18.54 11.78
CA MET A 380 -12.00 -18.66 11.06
C MET A 380 -12.68 -17.31 10.87
N GLU A 381 -12.43 -16.36 11.77
CA GLU A 381 -12.95 -15.00 11.64
C GLU A 381 -11.83 -14.02 11.94
N ILE A 382 -11.47 -13.22 10.95
CA ILE A 382 -10.46 -12.20 11.15
C ILE A 382 -11.06 -10.99 11.85
N THR A 383 -10.19 -10.24 12.54
CA THR A 383 -10.53 -8.92 13.05
C THR A 383 -9.60 -7.93 12.37
N GLU A 384 -10.17 -6.98 11.65
CA GLU A 384 -9.40 -6.02 10.87
C GLU A 384 -9.26 -4.71 11.64
N HIS A 385 -8.13 -4.05 11.44
CA HIS A 385 -7.82 -2.80 12.13
CA HIS A 385 -7.86 -2.78 12.11
C HIS A 385 -7.20 -1.82 11.14
N GLY A 386 -7.47 -0.54 11.34
CA GLY A 386 -6.96 0.52 10.50
C GLY A 386 -8.04 1.07 9.58
N ILE A 387 -8.07 2.40 9.45
CA ILE A 387 -8.99 3.06 8.55
C ILE A 387 -8.27 3.70 7.36
N TYR A 388 -6.99 4.03 7.48
CA TYR A 388 -6.21 4.58 6.37
C TYR A 388 -5.56 3.44 5.57
N THR A 389 -4.78 2.61 6.24
CA THR A 389 -4.37 1.32 5.72
C THR A 389 -4.98 0.25 6.62
N ARG A 390 -5.47 -0.83 6.02
CA ARG A 390 -6.34 -1.76 6.73
C ARG A 390 -5.95 -3.19 6.42
N GLY A 391 -5.98 -4.04 7.45
CA GLY A 391 -5.67 -5.44 7.31
C GLY A 391 -5.98 -6.23 8.57
N PRO A 392 -5.94 -7.56 8.47
CA PRO A 392 -6.25 -8.39 9.64
C PRO A 392 -5.15 -8.34 10.68
N LYS A 393 -5.56 -8.45 11.95
CA LYS A 393 -4.59 -8.56 13.03
C LYS A 393 -3.80 -9.86 12.94
N SER A 394 -4.46 -10.93 12.49
CA SER A 394 -3.84 -12.24 12.43
C SER A 394 -4.57 -13.09 11.41
N MET A 395 -3.83 -14.00 10.79
CA MET A 395 -4.37 -14.89 9.75
C MET A 395 -3.55 -16.17 9.76
N VAL A 396 -3.95 -17.11 10.60
CA VAL A 396 -3.21 -18.34 10.85
C VAL A 396 -3.77 -19.46 9.98
N ILE A 397 -2.88 -20.19 9.31
CA ILE A 397 -3.25 -21.37 8.53
C ILE A 397 -2.45 -22.55 9.06
N SER A 398 -3.03 -23.73 8.94
CA SER A 398 -2.35 -24.98 9.28
C SER A 398 -2.10 -25.77 8.01
N PHE A 399 -1.14 -26.69 8.09
CA PHE A 399 -0.72 -27.46 6.93
C PHE A 399 -0.05 -28.74 7.41
N ASP A 400 0.14 -29.67 6.48
CA ASP A 400 0.77 -30.94 6.79
C ASP A 400 2.20 -30.72 7.29
CHA HEM B . 1.32 5.29 -4.80
CHB HEM B . -1.22 1.37 -3.46
CHC HEM B . 2.87 -1.26 -3.50
CHD HEM B . 5.44 2.77 -4.27
C1A HEM B . 0.27 4.46 -4.47
C2A HEM B . -1.14 4.80 -4.47
C3A HEM B . -1.83 3.72 -4.11
C4A HEM B . -0.89 2.65 -3.87
CMA HEM B . -3.37 3.62 -3.96
CAA HEM B . -1.73 6.18 -4.83
CBA HEM B . -1.42 7.22 -3.76
CGA HEM B . -1.92 8.57 -4.20
O1A HEM B . -1.77 9.56 -3.44
O2A HEM B . -2.50 8.66 -5.32
C1B HEM B . -0.34 0.30 -3.39
C2B HEM B . -0.68 -1.07 -3.09
C3B HEM B . 0.45 -1.79 -3.10
C4B HEM B . 1.54 -0.90 -3.39
CMB HEM B . -2.13 -1.54 -2.83
CAB HEM B . 0.62 -3.31 -2.86
CBB HEM B . -0.42 -4.14 -2.86
C1C HEM B . 3.92 -0.42 -3.74
C2C HEM B . 5.30 -0.82 -3.94
C3C HEM B . 6.03 0.28 -4.15
C4C HEM B . 5.13 1.43 -4.10
CMC HEM B . 5.82 -2.27 -3.91
CAC HEM B . 7.55 0.27 -4.41
CBC HEM B . 8.23 1.42 -4.58
C1D HEM B . 4.56 3.80 -4.49
C2D HEM B . 4.90 5.18 -4.82
C3D HEM B . 3.76 5.86 -4.96
C4D HEM B . 2.66 4.97 -4.75
CMD HEM B . 6.33 5.75 -4.96
CAD HEM B . 3.66 7.37 -5.31
CBD HEM B . 3.32 7.48 -6.79
CGD HEM B . 3.39 8.90 -7.28
O1D HEM B . 3.31 9.83 -6.44
O2D HEM B . 3.54 9.09 -8.51
NA HEM B . 0.38 3.13 -4.11
NB HEM B . 1.03 0.37 -3.56
NC HEM B . 3.86 0.96 -3.85
ND HEM B . 3.18 3.72 -4.46
FE HEM B . 2.14 2.04 -4.05
HHB HEM B . -2.15 1.19 -3.22
HHC HEM B . 3.07 -2.21 -3.38
HHD HEM B . 6.39 3.01 -4.21
HMA HEM B . -3.80 3.94 -4.78
HMAA HEM B . -3.65 4.17 -3.20
HMAB HEM B . -3.62 2.70 -3.80
HAA HEM B . -2.70 6.09 -4.90
HAAA HEM B . -1.37 6.48 -5.67
HBA HEM B . -0.46 7.26 -3.63
HBAA HEM B . -1.85 6.96 -2.92
HMB HEM B . -2.67 -0.79 -2.51
HMBA HEM B . -2.13 -2.24 -2.15
HMBB HEM B . -2.52 -1.89 -3.65
HAB HEM B . 1.50 -3.66 -2.71
HBB HEM B . -0.28 -5.10 -2.71
HBBA HEM B . -1.32 -3.80 -3.02
HMC HEM B . 6.79 -2.26 -3.91
HMCA HEM B . 5.51 -2.74 -4.69
HMCB HEM B . 5.51 -2.71 -3.11
HAC HEM B . 8.03 -0.56 -4.44
HBC HEM B . 7.77 2.27 -4.54
HBCA HEM B . 9.19 1.40 -4.74
HMD HEM B . 6.28 6.65 -5.35
HMDA HEM B . 6.85 5.17 -5.54
HMDB HEM B . 6.74 5.79 -4.07
HAD HEM B . 4.51 7.81 -5.13
HADA HEM B . 2.96 7.79 -4.78
HBD HEM B . 2.43 7.14 -6.93
HBDA HEM B . 3.95 6.94 -7.30
HHA HEM B . 1.09 6.19 -5.11
C1 LC9 C . 1.25 2.36 -1.12
C6 LC9 C . 0.88 4.75 3.68
C2 LC9 C . 0.69 3.49 -0.31
C4 LC9 C . 0.19 4.91 1.43
C9 LC9 C . 0.89 3.73 1.10
C8 LC9 C . 1.60 3.07 2.10
C3 LC9 C . -0.10 4.51 -0.75
C5 LC9 C . 0.18 5.42 2.72
C7 LC9 C . 1.59 3.57 3.38
N1 LC9 C . 2.29 2.80 -2.06
N2 LC9 C . -0.40 5.36 0.27
H3 LC9 C . 1.64 1.68 -0.53
H4 LC9 C . 0.53 1.93 -1.63
H8 LC9 C . 0.89 5.07 4.57
H10 LC9 C . 2.09 2.28 1.91
H5 LC9 C . -0.40 4.61 -1.64
H7 LC9 C . -0.30 6.22 2.92
H9 LC9 C . 2.06 3.14 4.06
H1 LC9 C . 2.90 3.21 -1.55
H2 LC9 C . 2.66 2.03 -2.36
H6 LC9 C . -0.91 6.07 0.21
S SO4 D . 26.08 -3.80 2.51
O1 SO4 D . 26.36 -5.04 3.23
O2 SO4 D . 27.12 -3.58 1.50
O3 SO4 D . 24.79 -3.91 1.84
O4 SO4 D . 26.05 -2.70 3.45
S SO4 E . 21.78 -2.05 -17.27
O1 SO4 E . 20.97 -3.07 -17.93
O2 SO4 E . 23.08 -2.62 -16.90
O3 SO4 E . 21.10 -1.58 -16.07
O4 SO4 E . 22.00 -0.92 -18.18
#